data_3G5J
#
_entry.id   3G5J
#
_cell.length_a   96.489
_cell.length_b   60.192
_cell.length_c   79.107
_cell.angle_alpha   90.00
_cell.angle_beta   108.62
_cell.angle_gamma   90.00
#
_symmetry.space_group_name_H-M   'C 1 2 1'
#
loop_
_entity.id
_entity.type
_entity.pdbx_description
1 polymer 'Putative ATP/GTP binding protein'
2 non-polymer 'TRIETHYLENE GLYCOL'
3 non-polymer GLYCEROL
4 water water
#
_entity_poly.entity_id   1
_entity_poly.type   'polypeptide(L)'
_entity_poly.pdbx_seq_one_letter_code
;SNA(MSE)SVIKIEKALKLDKVIFVDVRTEGEYEEDHILNAIN(MSE)PLFKNNEHNEVGTIYK(MSE)QGKHEAIQKGF
DYVSYKLKDIYLQAAELALNYDNIVIYCARGG(MSE)RSGSIVNLLSSLGVNVYQLEGGYKAYRNFVLEY
;
_entity_poly.pdbx_strand_id   A,B
#
# COMPACT_ATOMS: atom_id res chain seq x y z
N SER A 5 -6.94 -11.07 -4.52
CA SER A 5 -5.72 -10.21 -4.41
C SER A 5 -4.42 -10.95 -4.83
N VAL A 6 -4.47 -12.27 -4.77
CA VAL A 6 -3.31 -13.12 -5.08
C VAL A 6 -3.81 -14.06 -6.16
N ILE A 7 -2.97 -14.45 -7.11
CA ILE A 7 -3.49 -15.37 -8.14
C ILE A 7 -2.37 -16.36 -8.50
N LYS A 8 -2.75 -17.60 -8.81
CA LYS A 8 -1.76 -18.62 -9.21
C LYS A 8 -1.40 -18.50 -10.68
N ILE A 9 -0.16 -18.82 -11.05
CA ILE A 9 0.25 -18.69 -12.45
C ILE A 9 -0.67 -19.44 -13.45
N GLU A 10 -1.10 -20.65 -13.12
CA GLU A 10 -1.97 -21.42 -14.03
C GLU A 10 -3.22 -20.65 -14.39
N LYS A 11 -3.79 -19.96 -13.43
CA LYS A 11 -4.95 -19.14 -13.70
C LYS A 11 -4.60 -17.79 -14.35
N ALA A 12 -3.54 -17.15 -13.91
CA ALA A 12 -3.19 -15.85 -14.47
C ALA A 12 -2.94 -15.91 -15.97
N LEU A 13 -2.25 -16.95 -16.44
CA LEU A 13 -1.97 -17.06 -17.87
C LEU A 13 -3.24 -17.23 -18.70
N LYS A 14 -4.36 -17.60 -18.07
CA LYS A 14 -5.61 -17.80 -18.80
C LYS A 14 -6.56 -16.60 -18.74
N LEU A 15 -6.14 -15.50 -18.13
CA LEU A 15 -7.04 -14.37 -17.97
C LEU A 15 -7.20 -13.68 -19.33
N ASP A 16 -8.40 -13.19 -19.61
CA ASP A 16 -8.61 -12.42 -20.83
C ASP A 16 -7.98 -11.03 -20.68
N LYS A 17 -7.27 -10.60 -21.73
CA LYS A 17 -6.73 -9.25 -21.85
C LYS A 17 -5.89 -8.97 -20.62
N VAL A 18 -4.87 -9.80 -20.43
CA VAL A 18 -4.04 -9.74 -19.22
C VAL A 18 -2.70 -9.14 -19.57
N ILE A 19 -2.15 -8.38 -18.63
CA ILE A 19 -0.79 -7.86 -18.77
C ILE A 19 -0.03 -8.24 -17.49
N PHE A 20 1.19 -8.76 -17.66
CA PHE A 20 2.06 -9.06 -16.55
C PHE A 20 3.03 -7.89 -16.38
N VAL A 21 3.16 -7.44 -15.14
CA VAL A 21 4.15 -6.37 -14.80
C VAL A 21 5.19 -6.90 -13.82
N ASP A 22 6.44 -6.89 -14.25
CA ASP A 22 7.59 -7.37 -13.52
C ASP A 22 8.21 -6.20 -12.75
N VAL A 23 8.19 -6.27 -11.43
CA VAL A 23 8.76 -5.20 -10.60
C VAL A 23 10.20 -5.44 -10.12
N ARG A 24 10.86 -6.48 -10.68
CA ARG A 24 12.26 -6.76 -10.44
C ARG A 24 13.11 -5.73 -11.12
N THR A 25 14.41 -5.78 -10.88
CA THR A 25 15.28 -4.88 -11.51
C THR A 25 15.31 -5.14 -13.04
N GLU A 26 15.84 -4.13 -13.74
CA GLU A 26 16.06 -4.19 -15.19
C GLU A 26 16.98 -5.33 -15.52
N GLY A 27 17.96 -5.54 -14.65
CA GLY A 27 18.91 -6.68 -14.77
C GLY A 27 18.25 -8.05 -14.78
N GLU A 28 17.32 -8.27 -13.86
CA GLU A 28 16.64 -9.51 -13.73
C GLU A 28 15.64 -9.68 -14.88
N TYR A 29 14.91 -8.61 -15.19
CA TYR A 29 13.89 -8.66 -16.27
C TYR A 29 14.61 -8.99 -17.61
N GLU A 30 15.74 -8.36 -17.86
CA GLU A 30 16.46 -8.58 -19.10
C GLU A 30 16.95 -10.00 -19.21
N GLU A 31 17.33 -10.63 -18.10
CA GLU A 31 17.85 -11.98 -18.16
C GLU A 31 16.77 -12.95 -18.63
N ASP A 32 15.60 -12.90 -18.02
CA ASP A 32 14.46 -13.75 -18.40
C ASP A 32 13.24 -13.09 -17.75
N HIS A 33 12.10 -13.07 -18.44
CA HIS A 33 10.87 -12.55 -17.81
C HIS A 33 9.67 -13.31 -18.34
N ILE A 34 8.50 -13.12 -17.72
CA ILE A 34 7.31 -13.78 -18.16
C ILE A 34 6.92 -13.24 -19.57
N LEU A 35 6.43 -14.13 -20.41
CA LEU A 35 6.21 -13.82 -21.83
C LEU A 35 5.26 -12.61 -21.88
N ASN A 36 5.69 -11.62 -22.66
CA ASN A 36 4.98 -10.33 -22.89
C ASN A 36 4.95 -9.37 -21.70
N ALA A 37 5.65 -9.69 -20.61
CA ALA A 37 5.68 -8.82 -19.43
C ALA A 37 6.37 -7.50 -19.75
N ILE A 38 5.90 -6.46 -19.09
CA ILE A 38 6.60 -5.18 -19.05
C ILE A 38 7.34 -4.99 -17.73
N ASN A 39 8.40 -4.18 -17.73
CA ASN A 39 9.21 -3.98 -16.51
C ASN A 39 8.85 -2.61 -15.90
N PRO A 41 10.41 -1.39 -12.71
CA PRO A 41 11.26 -1.77 -11.60
C PRO A 41 11.10 -0.91 -10.39
N LEU A 42 10.93 -1.55 -9.25
CA LEU A 42 10.86 -0.80 -7.98
C LEU A 42 12.26 -0.20 -7.65
N PHE A 43 13.30 -0.97 -7.90
CA PHE A 43 14.69 -0.58 -7.61
C PHE A 43 15.60 -0.63 -8.81
N LYS A 44 16.55 0.31 -8.89
CA LYS A 44 17.67 0.17 -9.82
C LYS A 44 18.53 -1.02 -9.36
N ASN A 45 19.34 -1.56 -10.28
CA ASN A 45 20.19 -2.71 -9.97
C ASN A 45 21.03 -2.49 -8.66
N ASN A 46 21.69 -1.34 -8.54
CA ASN A 46 22.47 -1.03 -7.34
C ASN A 46 21.64 -0.85 -6.07
N GLU A 47 20.47 -0.24 -6.22
CA GLU A 47 19.59 -0.02 -5.08
C GLU A 47 19.20 -1.40 -4.51
N HIS A 48 18.81 -2.31 -5.38
CA HIS A 48 18.41 -3.68 -5.04
C HIS A 48 19.46 -4.40 -4.20
N ASN A 49 20.71 -4.30 -4.66
CA ASN A 49 21.78 -4.94 -3.95
C ASN A 49 21.98 -4.38 -2.54
N GLU A 50 21.83 -3.08 -2.40
CA GLU A 50 22.02 -2.47 -1.10
C GLU A 50 20.86 -2.85 -0.15
N VAL A 51 19.64 -2.86 -0.68
CA VAL A 51 18.49 -3.28 0.12
C VAL A 51 18.64 -4.72 0.61
N GLY A 52 19.13 -5.59 -0.27
CA GLY A 52 19.39 -7.01 0.06
C GLY A 52 20.44 -7.20 1.17
N THR A 53 21.53 -6.45 1.08
CA THR A 53 22.56 -6.49 2.08
C THR A 53 22.12 -5.97 3.42
N ILE A 54 21.38 -4.88 3.40
CA ILE A 54 20.79 -4.33 4.60
C ILE A 54 19.87 -5.35 5.23
N TYR A 55 19.01 -5.97 4.43
CA TYR A 55 18.13 -6.98 4.94
C TYR A 55 18.89 -8.14 5.64
N LYS A 56 19.95 -8.62 5.01
CA LYS A 56 20.75 -9.68 5.59
C LYS A 56 21.45 -9.27 6.90
N GLN A 58 21.03 -6.36 8.88
CA GLN A 58 20.26 -5.52 9.82
C GLN A 58 18.87 -5.98 10.07
N GLY A 59 18.33 -6.74 9.15
CA GLY A 59 16.97 -7.14 9.17
C GLY A 59 15.97 -6.32 8.36
N LYS A 60 14.72 -6.83 8.40
CA LYS A 60 13.61 -6.29 7.62
C LYS A 60 13.29 -4.82 7.88
N HIS A 61 13.32 -4.42 9.16
CA HIS A 61 12.97 -3.06 9.55
C HIS A 61 13.84 -2.03 8.86
N GLU A 62 15.14 -2.27 8.89
CA GLU A 62 16.09 -1.38 8.22
C GLU A 62 16.04 -1.49 6.70
N ALA A 63 15.68 -2.66 6.18
CA ALA A 63 15.62 -2.89 4.72
C ALA A 63 14.42 -2.12 4.14
N ILE A 64 13.31 -2.11 4.89
CA ILE A 64 12.13 -1.34 4.53
C ILE A 64 12.44 0.14 4.51
N GLN A 65 13.15 0.64 5.53
CA GLN A 65 13.53 2.04 5.52
C GLN A 65 14.31 2.39 4.27
N LYS A 66 15.28 1.57 3.90
CA LYS A 66 16.07 1.86 2.71
C LYS A 66 15.19 1.82 1.44
N GLY A 67 14.28 0.85 1.35
CA GLY A 67 13.29 0.83 0.34
C GLY A 67 12.51 2.13 0.16
N PHE A 68 11.96 2.69 1.25
CA PHE A 68 11.32 4.00 1.19
C PHE A 68 12.25 5.07 0.64
N ASP A 69 13.53 5.04 1.03
CA ASP A 69 14.50 6.01 0.54
C ASP A 69 14.57 5.95 -0.99
N TYR A 70 14.51 4.74 -1.55
CA TYR A 70 14.66 4.57 -3.00
C TYR A 70 13.40 4.60 -3.84
N VAL A 71 12.22 4.39 -3.25
CA VAL A 71 11.01 4.23 -4.02
C VAL A 71 9.89 5.24 -3.73
N SER A 72 9.97 5.99 -2.62
CA SER A 72 8.79 6.77 -2.24
C SER A 72 8.46 7.82 -3.32
N TYR A 73 9.47 8.35 -3.98
CA TYR A 73 9.27 9.32 -5.04
C TYR A 73 8.79 8.68 -6.37
N LYS A 74 9.05 7.39 -6.57
CA LYS A 74 8.66 6.68 -7.79
C LYS A 74 7.18 6.29 -7.74
N LEU A 75 6.53 6.41 -6.58
CA LEU A 75 5.24 5.75 -6.39
C LEU A 75 4.09 6.39 -7.20
N LYS A 76 4.05 7.70 -7.32
CA LYS A 76 3.03 8.33 -8.17
C LYS A 76 3.16 7.84 -9.62
N ASP A 77 4.38 7.72 -10.14
CA ASP A 77 4.54 7.19 -11.52
C ASP A 77 4.04 5.73 -11.65
N ILE A 78 4.23 4.94 -10.63
CA ILE A 78 3.74 3.58 -10.64
C ILE A 78 2.23 3.59 -10.71
N TYR A 79 1.59 4.44 -9.89
CA TYR A 79 0.14 4.60 -10.00
C TYR A 79 -0.30 5.01 -11.45
N LEU A 80 0.36 5.98 -12.01
CA LEU A 80 -0.02 6.52 -13.29
C LEU A 80 0.20 5.47 -14.38
N GLN A 81 1.23 4.66 -14.26
CA GLN A 81 1.47 3.63 -15.28
C GLN A 81 0.39 2.56 -15.16
N ALA A 82 0.04 2.20 -13.92
CA ALA A 82 -1.02 1.19 -13.70
C ALA A 82 -2.38 1.69 -14.17
N ALA A 83 -2.70 2.95 -13.88
CA ALA A 83 -3.99 3.53 -14.29
C ALA A 83 -4.15 3.47 -15.85
N GLU A 84 -3.08 3.79 -16.55
CA GLU A 84 -3.04 3.67 -17.98
C GLU A 84 -3.22 2.25 -18.50
N LEU A 85 -2.55 1.27 -17.88
CA LEU A 85 -2.67 -0.12 -18.29
C LEU A 85 -4.10 -0.54 -18.10
N ALA A 86 -4.70 -0.03 -17.04
CA ALA A 86 -6.09 -0.40 -16.77
C ALA A 86 -7.11 0.02 -17.84
N LEU A 87 -6.79 1.06 -18.62
CA LEU A 87 -7.64 1.43 -19.73
C LEU A 87 -7.59 0.40 -20.86
N ASN A 88 -6.54 -0.40 -20.91
CA ASN A 88 -6.23 -1.27 -22.05
C ASN A 88 -6.29 -2.80 -21.74
N TYR A 89 -6.18 -3.16 -20.48
CA TYR A 89 -6.18 -4.54 -20.06
C TYR A 89 -7.23 -4.72 -19.01
N ASP A 90 -7.90 -5.85 -19.04
CA ASP A 90 -8.88 -6.16 -18.03
C ASP A 90 -8.22 -6.65 -16.75
N ASN A 91 -7.03 -7.23 -16.88
CA ASN A 91 -6.38 -7.90 -15.75
C ASN A 91 -4.89 -7.53 -15.71
N ILE A 92 -4.42 -7.13 -14.54
CA ILE A 92 -3.03 -6.68 -14.35
C ILE A 92 -2.39 -7.57 -13.27
N VAL A 93 -1.35 -8.32 -13.61
CA VAL A 93 -0.75 -9.24 -12.67
C VAL A 93 0.63 -8.75 -12.39
N ILE A 94 0.89 -8.44 -11.14
CA ILE A 94 2.17 -7.90 -10.71
C ILE A 94 3.01 -9.02 -10.05
N TYR A 95 4.30 -9.09 -10.42
CA TYR A 95 5.16 -10.15 -9.90
C TYR A 95 6.56 -9.66 -9.59
N CYS A 96 7.14 -10.28 -8.56
CA CYS A 96 8.52 -10.10 -8.21
C CYS A 96 9.21 -11.49 -8.20
N ALA A 97 10.36 -11.63 -7.58
CA ALA A 97 11.16 -12.85 -7.73
C ALA A 97 10.49 -14.07 -7.12
N ARG A 98 9.94 -13.90 -5.91
CA ARG A 98 9.38 -15.02 -5.16
C ARG A 98 8.01 -14.72 -4.60
N GLY A 99 7.43 -13.57 -4.94
CA GLY A 99 6.11 -13.23 -4.46
C GLY A 99 6.02 -12.67 -3.04
N GLY A 100 7.03 -11.91 -2.60
CA GLY A 100 7.01 -11.27 -1.31
C GLY A 100 6.65 -9.78 -1.37
N ARG A 102 7.99 -6.86 -2.44
CA ARG A 102 8.12 -5.94 -3.57
C ARG A 102 6.78 -5.88 -4.34
N SER A 103 6.26 -7.04 -4.75
CA SER A 103 5.00 -7.07 -5.47
C SER A 103 3.85 -6.90 -4.53
N GLY A 104 3.97 -7.39 -3.28
CA GLY A 104 2.83 -7.30 -2.37
C GLY A 104 2.48 -5.88 -2.00
N SER A 105 3.49 -5.05 -1.73
CA SER A 105 3.26 -3.66 -1.36
C SER A 105 2.64 -2.91 -2.55
N ILE A 106 3.17 -3.11 -3.76
CA ILE A 106 2.62 -2.41 -4.91
C ILE A 106 1.19 -2.79 -5.18
N VAL A 107 0.86 -4.08 -5.02
CA VAL A 107 -0.44 -4.56 -5.33
C VAL A 107 -1.40 -4.00 -4.30
N ASN A 108 -0.99 -4.04 -3.04
CA ASN A 108 -1.89 -3.57 -1.97
C ASN A 108 -2.17 -2.05 -2.11
N LEU A 109 -1.15 -1.29 -2.43
CA LEU A 109 -1.33 0.13 -2.57
C LEU A 109 -2.23 0.46 -3.75
N LEU A 110 -1.90 -0.14 -4.93
CA LEU A 110 -2.64 0.09 -6.12
C LEU A 110 -4.07 -0.29 -5.92
N SER A 111 -4.32 -1.42 -5.25
CA SER A 111 -5.67 -1.86 -5.02
C SER A 111 -6.48 -0.89 -4.12
N SER A 112 -5.82 -0.27 -3.14
CA SER A 112 -6.52 0.66 -2.22
C SER A 112 -6.87 1.95 -2.98
N LEU A 113 -6.14 2.22 -4.05
CA LEU A 113 -6.44 3.39 -4.92
C LEU A 113 -7.43 3.08 -6.06
N GLY A 114 -7.96 1.87 -6.09
CA GLY A 114 -9.09 1.52 -6.98
C GLY A 114 -8.62 0.93 -8.29
N VAL A 115 -7.32 0.67 -8.42
CA VAL A 115 -6.79 -0.06 -9.60
C VAL A 115 -6.83 -1.58 -9.33
N ASN A 116 -7.64 -2.32 -10.09
CA ASN A 116 -7.78 -3.80 -10.01
C ASN A 116 -6.51 -4.49 -10.40
N VAL A 117 -5.75 -4.98 -9.41
CA VAL A 117 -4.50 -5.73 -9.72
C VAL A 117 -4.38 -6.98 -8.86
N TYR A 118 -3.58 -7.93 -9.30
CA TYR A 118 -3.33 -9.16 -8.53
C TYR A 118 -1.85 -9.33 -8.34
N GLN A 119 -1.45 -9.95 -7.22
CA GLN A 119 -0.05 -10.42 -7.02
C GLN A 119 0.06 -11.87 -7.49
N LEU A 120 1.09 -12.15 -8.28
CA LEU A 120 1.35 -13.51 -8.66
C LEU A 120 1.90 -14.29 -7.49
N GLU A 121 1.18 -15.32 -7.10
CA GLU A 121 1.65 -16.18 -6.02
C GLU A 121 2.99 -16.86 -6.40
N GLY A 122 3.99 -16.69 -5.54
CA GLY A 122 5.30 -17.29 -5.79
C GLY A 122 6.19 -16.59 -6.82
N GLY A 123 5.73 -15.49 -7.41
CA GLY A 123 6.58 -14.61 -8.21
C GLY A 123 7.07 -15.33 -9.45
N TYR A 124 8.15 -14.81 -9.99
CA TYR A 124 8.74 -15.38 -11.16
C TYR A 124 9.08 -16.89 -10.95
N LYS A 125 9.57 -17.23 -9.74
CA LYS A 125 9.90 -18.66 -9.40
C LYS A 125 8.72 -19.62 -9.73
N ALA A 126 7.49 -19.22 -9.42
CA ALA A 126 6.29 -20.02 -9.72
C ALA A 126 6.09 -20.19 -11.24
N TYR A 127 6.39 -19.15 -12.02
CA TYR A 127 6.32 -19.25 -13.47
C TYR A 127 7.41 -20.22 -14.00
N ARG A 128 8.66 -20.06 -13.55
CA ARG A 128 9.74 -20.96 -13.98
C ARG A 128 9.36 -22.43 -13.74
N ASN A 129 8.80 -22.70 -12.56
CA ASN A 129 8.41 -24.07 -12.15
C ASN A 129 7.21 -24.61 -12.91
N PHE A 130 6.34 -23.70 -13.32
CA PHE A 130 5.23 -24.03 -14.20
C PHE A 130 5.73 -24.38 -15.63
N VAL A 131 6.68 -23.63 -16.17
CA VAL A 131 7.13 -23.87 -17.54
C VAL A 131 7.94 -25.20 -17.58
N LEU A 132 8.77 -25.42 -16.56
CA LEU A 132 9.67 -26.59 -16.46
C LEU A 132 9.07 -27.80 -15.78
N GLU A 133 7.80 -27.74 -15.39
CA GLU A 133 7.14 -28.86 -14.77
C GLU A 133 7.35 -30.12 -15.61
N TYR A 134 7.80 -31.20 -14.96
CA TYR A 134 7.83 -32.49 -15.60
C TYR A 134 6.41 -33.06 -15.54
N SER B 5 -7.58 -5.28 5.53
CA SER B 5 -8.11 -5.64 6.82
C SER B 5 -8.88 -4.49 7.40
N VAL B 6 -10.08 -4.80 7.78
CA VAL B 6 -11.06 -3.86 8.20
C VAL B 6 -11.66 -4.34 9.49
N ILE B 7 -12.03 -3.42 10.36
CA ILE B 7 -12.64 -3.77 11.63
C ILE B 7 -13.75 -2.76 11.99
N LYS B 8 -14.83 -3.26 12.62
CA LYS B 8 -15.86 -2.38 13.12
C LYS B 8 -15.50 -1.85 14.53
N ILE B 9 -16.05 -0.68 14.85
CA ILE B 9 -15.62 0.08 16.03
C ILE B 9 -15.94 -0.71 17.29
N GLU B 10 -17.07 -1.40 17.30
CA GLU B 10 -17.47 -2.18 18.49
C GLU B 10 -16.41 -3.24 18.89
N LYS B 11 -15.87 -3.92 17.89
CA LYS B 11 -14.79 -4.87 18.08
C LYS B 11 -13.44 -4.17 18.32
N ALA B 12 -13.17 -3.11 17.59
CA ALA B 12 -11.89 -2.38 17.71
C ALA B 12 -11.61 -1.90 19.13
N LEU B 13 -12.61 -1.33 19.77
CA LEU B 13 -12.46 -0.74 21.11
C LEU B 13 -12.07 -1.78 22.19
N LYS B 14 -12.54 -3.01 21.99
CA LYS B 14 -12.27 -4.14 22.86
C LYS B 14 -11.03 -4.97 22.46
N LEU B 15 -10.30 -4.62 21.40
CA LEU B 15 -9.10 -5.38 21.06
C LEU B 15 -7.98 -5.27 22.14
N ASP B 16 -7.26 -6.37 22.35
CA ASP B 16 -6.10 -6.35 23.23
C ASP B 16 -5.02 -5.37 22.78
N LYS B 17 -4.53 -4.57 23.72
CA LYS B 17 -3.34 -3.72 23.46
C LYS B 17 -3.51 -2.95 22.12
N VAL B 18 -4.68 -2.29 22.02
CA VAL B 18 -5.06 -1.55 20.83
C VAL B 18 -4.60 -0.09 20.95
N ILE B 19 -4.20 0.50 19.82
CA ILE B 19 -3.97 1.95 19.68
C ILE B 19 -4.74 2.43 18.43
N PHE B 20 -5.52 3.52 18.60
CA PHE B 20 -6.17 4.22 17.48
C PHE B 20 -5.30 5.34 16.93
N VAL B 21 -5.15 5.36 15.61
CA VAL B 21 -4.34 6.34 14.89
C VAL B 21 -5.26 7.09 13.86
N ASP B 22 -5.39 8.40 14.12
CA ASP B 22 -6.24 9.33 13.33
C ASP B 22 -5.36 9.93 12.29
N VAL B 23 -5.65 9.65 11.02
CA VAL B 23 -4.84 10.19 9.92
C VAL B 23 -5.43 11.45 9.33
N ARG B 24 -6.48 12.00 9.94
CA ARG B 24 -7.05 13.28 9.52
C ARG B 24 -6.09 14.40 9.87
N THR B 25 -6.42 15.63 9.46
CA THR B 25 -5.57 16.75 9.74
C THR B 25 -5.55 17.04 11.26
N GLU B 26 -4.53 17.75 11.71
CA GLU B 26 -4.44 18.19 13.08
C GLU B 26 -5.66 19.01 13.48
N GLY B 27 -6.16 19.85 12.58
CA GLY B 27 -7.35 20.63 12.90
C GLY B 27 -8.59 19.76 13.20
N GLU B 28 -8.80 18.74 12.39
CA GLU B 28 -9.90 17.79 12.63
C GLU B 28 -9.70 17.02 13.96
N TYR B 29 -8.47 16.54 14.16
CA TYR B 29 -8.13 15.75 15.34
C TYR B 29 -8.40 16.59 16.59
N GLU B 30 -7.89 17.82 16.59
CA GLU B 30 -8.09 18.72 17.73
C GLU B 30 -9.55 18.99 18.03
N GLU B 31 -10.40 19.10 17.01
CA GLU B 31 -11.82 19.39 17.25
C GLU B 31 -12.49 18.25 17.99
N ASP B 32 -12.25 17.02 17.57
CA ASP B 32 -12.84 15.82 18.19
C ASP B 32 -12.05 14.62 17.64
N HIS B 33 -11.79 13.62 18.49
CA HIS B 33 -11.15 12.39 18.03
C HIS B 33 -11.58 11.24 18.90
N ILE B 34 -11.33 10.04 18.42
CA ILE B 34 -11.59 8.81 19.19
C ILE B 34 -10.76 8.80 20.48
N LEU B 35 -11.43 8.46 21.57
CA LEU B 35 -10.82 8.35 22.93
C LEU B 35 -9.51 7.62 22.88
N ASN B 36 -8.42 8.33 23.27
CA ASN B 36 -7.09 7.82 23.37
C ASN B 36 -6.37 7.77 22.04
N ALA B 37 -6.97 8.29 20.95
CA ALA B 37 -6.34 8.20 19.60
C ALA B 37 -5.17 9.15 19.55
N ILE B 38 -4.15 8.80 18.77
CA ILE B 38 -3.09 9.73 18.51
C ILE B 38 -3.22 10.19 17.02
N ASN B 39 -2.50 11.24 16.65
CA ASN B 39 -2.71 11.85 15.35
C ASN B 39 -1.45 11.67 14.52
N PRO B 41 -1.25 12.87 10.89
CA PRO B 41 -1.87 13.48 9.73
C PRO B 41 -1.20 13.09 8.40
N LEU B 42 -1.98 12.58 7.47
CA LEU B 42 -1.46 12.45 6.07
C LEU B 42 -1.21 13.79 5.44
N PHE B 43 -2.10 14.74 5.71
CA PHE B 43 -2.00 16.10 5.15
C PHE B 43 -1.94 17.27 6.16
N LYS B 44 -1.15 18.27 5.83
CA LYS B 44 -1.24 19.56 6.50
C LYS B 44 -2.58 20.21 6.11
N ASN B 45 -3.02 21.23 6.85
CA ASN B 45 -4.33 21.84 6.57
C ASN B 45 -4.49 22.35 5.12
N ASN B 46 -3.51 23.09 4.62
CA ASN B 46 -3.58 23.63 3.28
C ASN B 46 -3.62 22.49 2.25
N GLU B 47 -2.76 21.48 2.46
CA GLU B 47 -2.65 20.34 1.52
C GLU B 47 -3.99 19.62 1.47
N HIS B 48 -4.59 19.45 2.64
CA HIS B 48 -5.88 18.82 2.76
C HIS B 48 -6.97 19.60 1.98
N ASN B 49 -6.95 20.93 2.10
CA ASN B 49 -7.92 21.76 1.40
C ASN B 49 -7.81 21.63 -0.12
N GLU B 50 -6.56 21.65 -0.59
CA GLU B 50 -6.26 21.46 -1.99
C GLU B 50 -6.71 20.12 -2.56
N VAL B 51 -6.35 19.03 -1.90
CA VAL B 51 -6.73 17.68 -2.35
C VAL B 51 -8.26 17.57 -2.36
N GLY B 52 -8.90 18.14 -1.35
CA GLY B 52 -10.37 18.13 -1.27
C GLY B 52 -11.06 18.86 -2.43
N THR B 53 -10.53 20.03 -2.75
CA THR B 53 -11.01 20.82 -3.86
C THR B 53 -10.80 20.14 -5.20
N ILE B 54 -9.63 19.53 -5.38
CA ILE B 54 -9.38 18.79 -6.62
C ILE B 54 -10.37 17.61 -6.75
N TYR B 55 -10.65 16.92 -5.65
CA TYR B 55 -11.58 15.77 -5.68
C TYR B 55 -12.97 16.23 -6.12
N LYS B 56 -13.42 17.35 -5.55
CA LYS B 56 -14.77 17.85 -5.78
C LYS B 56 -14.92 18.33 -7.22
N GLN B 58 -12.58 18.00 -10.01
CA GLN B 58 -11.91 17.24 -11.10
C GLN B 58 -11.85 15.70 -10.90
N GLY B 59 -12.11 15.21 -9.69
CA GLY B 59 -12.32 13.78 -9.47
C GLY B 59 -11.16 13.04 -8.83
N LYS B 60 -11.39 11.74 -8.71
CA LYS B 60 -10.56 10.85 -7.93
C LYS B 60 -9.16 10.71 -8.50
N HIS B 61 -9.07 10.59 -9.83
CA HIS B 61 -7.78 10.39 -10.46
C HIS B 61 -6.82 11.59 -10.24
N GLU B 62 -7.30 12.83 -10.35
CA GLU B 62 -6.41 13.98 -10.09
C GLU B 62 -6.14 14.13 -8.58
N ALA B 63 -7.14 13.84 -7.74
CA ALA B 63 -6.95 13.96 -6.29
C ALA B 63 -5.88 13.00 -5.72
N ILE B 64 -5.87 11.75 -6.23
CA ILE B 64 -4.84 10.76 -5.91
C ILE B 64 -3.44 11.30 -6.28
N GLN B 65 -3.33 11.88 -7.45
CA GLN B 65 -2.07 12.43 -7.91
C GLN B 65 -1.57 13.55 -6.99
N LYS B 66 -2.46 14.45 -6.62
CA LYS B 66 -2.11 15.50 -5.64
C LYS B 66 -1.78 14.90 -4.24
N GLY B 67 -2.56 13.91 -3.81
CA GLY B 67 -2.24 13.16 -2.58
C GLY B 67 -0.81 12.62 -2.55
N PHE B 68 -0.41 11.98 -3.64
CA PHE B 68 0.96 11.49 -3.76
C PHE B 68 1.98 12.63 -3.57
N ASP B 69 1.71 13.78 -4.19
CA ASP B 69 2.62 14.92 -4.08
C ASP B 69 2.82 15.33 -2.61
N TYR B 70 1.78 15.22 -1.77
CA TYR B 70 1.90 15.68 -0.39
C TYR B 70 2.18 14.58 0.67
N VAL B 71 1.89 13.33 0.34
CA VAL B 71 2.12 12.23 1.28
C VAL B 71 3.42 11.46 1.03
N SER B 72 3.93 11.45 -0.20
CA SER B 72 5.07 10.59 -0.50
C SER B 72 6.22 10.89 0.43
N TYR B 73 6.49 12.17 0.67
CA TYR B 73 7.57 12.60 1.56
C TYR B 73 7.35 12.21 3.05
N LYS B 74 6.17 11.75 3.44
CA LYS B 74 5.87 11.43 4.80
C LYS B 74 5.74 9.91 5.04
N LEU B 75 5.74 9.11 3.98
CA LEU B 75 5.49 7.67 4.11
C LEU B 75 6.52 6.94 5.01
N LYS B 76 7.81 7.19 4.84
CA LYS B 76 8.82 6.52 5.69
C LYS B 76 8.57 6.82 7.19
N ASP B 77 8.33 8.09 7.52
CA ASP B 77 8.03 8.48 8.90
C ASP B 77 6.79 7.82 9.44
N ILE B 78 5.79 7.66 8.59
CA ILE B 78 4.57 6.97 8.99
C ILE B 78 4.88 5.48 9.31
N TYR B 79 5.66 4.84 8.44
CA TYR B 79 6.13 3.47 8.69
C TYR B 79 6.91 3.43 10.03
N LEU B 80 7.80 4.38 10.26
CA LEU B 80 8.64 4.33 11.44
C LEU B 80 7.78 4.50 12.71
N GLN B 81 6.79 5.39 12.64
CA GLN B 81 5.90 5.61 13.78
C GLN B 81 5.10 4.33 14.06
N ALA B 82 4.57 3.73 13.00
CA ALA B 82 3.76 2.51 13.13
C ALA B 82 4.59 1.33 13.64
N ALA B 83 5.83 1.18 13.17
CA ALA B 83 6.72 0.09 13.62
C ALA B 83 7.01 0.22 15.15
N GLU B 84 7.16 1.46 15.61
CA GLU B 84 7.43 1.77 16.99
C GLU B 84 6.20 1.47 17.83
N LEU B 85 5.04 1.88 17.36
CA LEU B 85 3.80 1.53 18.03
C LEU B 85 3.66 0.03 18.17
N ALA B 86 4.12 -0.73 17.16
CA ALA B 86 3.96 -2.19 17.13
C ALA B 86 4.74 -2.86 18.26
N LEU B 87 5.77 -2.17 18.78
CA LEU B 87 6.54 -2.66 19.93
C LEU B 87 5.71 -2.77 21.20
N ASN B 88 4.69 -1.93 21.34
CA ASN B 88 3.90 -1.82 22.57
C ASN B 88 2.44 -2.21 22.40
N TYR B 89 1.94 -2.11 21.17
CA TYR B 89 0.56 -2.43 20.85
C TYR B 89 0.52 -3.58 19.87
N ASP B 90 -0.43 -4.48 20.09
CA ASP B 90 -0.69 -5.65 19.26
C ASP B 90 -1.56 -5.34 18.07
N ASN B 91 -2.41 -4.31 18.20
CA ASN B 91 -3.39 -3.99 17.18
C ASN B 91 -3.43 -2.47 16.97
N ILE B 92 -3.24 -2.03 15.72
CA ILE B 92 -3.20 -0.61 15.38
C ILE B 92 -4.36 -0.32 14.47
N VAL B 93 -5.37 0.44 14.96
CA VAL B 93 -6.54 0.75 14.18
C VAL B 93 -6.46 2.15 13.62
N ILE B 94 -6.36 2.26 12.27
CA ILE B 94 -6.17 3.54 11.59
C ILE B 94 -7.54 4.03 11.04
N TYR B 95 -7.81 5.32 11.22
CA TYR B 95 -9.05 5.87 10.76
C TYR B 95 -8.95 7.23 10.15
N CYS B 96 -9.87 7.49 9.19
CA CYS B 96 -10.03 8.82 8.62
C CYS B 96 -11.50 9.24 8.84
N ALA B 97 -11.96 10.27 8.17
CA ALA B 97 -13.30 10.83 8.46
C ALA B 97 -14.44 9.81 8.25
N ARG B 98 -14.42 9.12 7.12
CA ARG B 98 -15.55 8.23 6.78
C ARG B 98 -15.16 6.85 6.28
N GLY B 99 -13.88 6.55 6.39
CA GLY B 99 -13.35 5.25 6.08
C GLY B 99 -13.07 5.07 4.62
N GLY B 100 -12.51 6.09 3.98
CA GLY B 100 -12.16 6.04 2.58
C GLY B 100 -10.67 5.76 2.37
N ARG B 102 -7.90 7.60 2.50
CA ARG B 102 -6.78 8.08 3.37
C ARG B 102 -6.34 6.96 4.35
N SER B 103 -7.30 6.39 5.06
CA SER B 103 -6.99 5.30 5.96
C SER B 103 -6.77 4.01 5.17
N GLY B 104 -7.51 3.81 4.08
CA GLY B 104 -7.40 2.56 3.32
C GLY B 104 -6.04 2.34 2.68
N SER B 105 -5.46 3.38 2.13
CA SER B 105 -4.16 3.28 1.48
C SER B 105 -3.03 3.04 2.50
N ILE B 106 -3.09 3.77 3.63
CA ILE B 106 -2.10 3.63 4.69
C ILE B 106 -2.16 2.24 5.29
N VAL B 107 -3.37 1.74 5.53
CA VAL B 107 -3.53 0.37 6.06
C VAL B 107 -2.97 -0.70 5.12
N ASN B 108 -3.35 -0.63 3.86
CA ASN B 108 -2.90 -1.58 2.88
C ASN B 108 -1.40 -1.59 2.77
N LEU B 109 -0.80 -0.41 2.76
CA LEU B 109 0.65 -0.32 2.64
C LEU B 109 1.36 -0.92 3.88
N LEU B 110 0.92 -0.52 5.08
CA LEU B 110 1.57 -0.94 6.30
C LEU B 110 1.36 -2.44 6.51
N SER B 111 0.17 -2.93 6.17
CA SER B 111 -0.12 -4.33 6.27
C SER B 111 0.82 -5.18 5.39
N SER B 112 1.13 -4.66 4.22
CA SER B 112 1.97 -5.37 3.28
C SER B 112 3.44 -5.41 3.77
N LEU B 113 3.78 -4.46 4.64
CA LEU B 113 5.11 -4.39 5.24
C LEU B 113 5.20 -5.09 6.61
N GLY B 114 4.16 -5.85 6.98
CA GLY B 114 4.18 -6.68 8.16
C GLY B 114 3.59 -6.07 9.44
N VAL B 115 3.00 -4.88 9.36
CA VAL B 115 2.53 -4.21 10.57
C VAL B 115 1.09 -4.65 10.78
N ASN B 116 0.75 -4.97 12.02
CA ASN B 116 -0.59 -5.47 12.33
C ASN B 116 -1.60 -4.34 12.43
N VAL B 117 -2.08 -3.92 11.26
CA VAL B 117 -3.00 -2.78 11.14
C VAL B 117 -4.39 -3.15 10.61
N TYR B 118 -5.40 -2.37 11.01
CA TYR B 118 -6.77 -2.49 10.52
C TYR B 118 -7.28 -1.09 10.19
N GLN B 119 -8.08 -0.99 9.14
CA GLN B 119 -8.85 0.18 8.82
C GLN B 119 -10.14 0.14 9.63
N LEU B 120 -10.48 1.24 10.26
CA LEU B 120 -11.78 1.35 10.94
C LEU B 120 -12.88 1.55 9.91
N GLU B 121 -13.83 0.63 9.87
CA GLU B 121 -14.90 0.65 8.90
C GLU B 121 -15.76 1.87 9.15
N GLY B 122 -15.91 2.72 8.15
CA GLY B 122 -16.75 3.90 8.32
C GLY B 122 -16.07 5.07 9.03
N GLY B 123 -14.79 4.89 9.40
CA GLY B 123 -13.96 5.93 10.02
C GLY B 123 -14.62 6.58 11.26
N TYR B 124 -14.25 7.80 11.52
CA TYR B 124 -14.74 8.55 12.66
C TYR B 124 -16.25 8.62 12.75
N LYS B 125 -16.93 8.73 11.60
CA LYS B 125 -18.38 8.76 11.56
C LYS B 125 -18.96 7.50 12.21
N ALA B 126 -18.33 6.34 11.99
CA ALA B 126 -18.83 5.09 12.60
C ALA B 126 -18.73 5.13 14.14
N TYR B 127 -17.67 5.77 14.65
CA TYR B 127 -17.47 5.94 16.09
C TYR B 127 -18.52 6.89 16.65
N ARG B 128 -18.74 8.01 16.00
CA ARG B 128 -19.76 8.97 16.42
C ARG B 128 -21.12 8.28 16.56
N ASN B 129 -21.46 7.48 15.55
CA ASN B 129 -22.73 6.74 15.55
C ASN B 129 -22.78 5.74 16.68
N PHE B 130 -21.68 5.04 16.92
CA PHE B 130 -21.60 4.07 18.01
C PHE B 130 -21.88 4.69 19.40
N VAL B 131 -21.30 5.88 19.65
CA VAL B 131 -21.38 6.52 20.94
C VAL B 131 -22.81 7.00 21.21
N LEU B 132 -23.43 7.52 20.16
CA LEU B 132 -24.80 8.00 20.18
C LEU B 132 -25.64 6.79 19.76
N GLU B 133 -26.88 6.97 19.38
CA GLU B 133 -27.60 5.84 18.79
C GLU B 133 -27.44 4.53 19.58
#